data_2UY3
#
_entry.id   2UY3
#
_cell.length_a   73.411
_cell.length_b   112.709
_cell.length_c   37.331
_cell.angle_alpha   90.00
_cell.angle_beta   90.00
_cell.angle_gamma   90.00
#
_symmetry.space_group_name_H-M   'P 21 21 2'
#
loop_
_entity.id
_entity.type
_entity.pdbx_description
1 polymer ENDOCHITINASE
2 non-polymer 8-CHLORO-1,3-DIMETHYL-3,7-DIHYDRO-1H-PURINE-2,6-DIONE
3 water water
#
_entity_poly.entity_id   1
_entity_poly.type   'polypeptide(L)'
_entity_poly.pdbx_seq_one_letter_code
;DRSANTNIAVYWGQNSAGTQESLATYCESSDADIFLLSFLNQFPTLGLNFANACSDTFSDGLLHCTQIAEDIETCQSLGK
KVLLSLGGASGSYLFSDDSQAETFAQTLWDTFGEGTGASERPFDSAVVDGFDFDIENNNEVGYSALATKLRTLFAEGTKQ
YYLSAAPQCPYPDASVGDLLENADIDFAFIQFYNNYCSVSGQFNWDTWLTYAQTVSPNKNIKLFLGLPGSASAAGSGYIS
DTSLLESTIADIASSSSFGGIALWDASQAFSNELNGEPYVEILKNLLTSASQTA
;
_entity_poly.pdbx_strand_id   A
#
loop_
_chem_comp.id
_chem_comp.type
_chem_comp.name
_chem_comp.formula
H33 non-polymer 8-CHLORO-1,3-DIMETHYL-3,7-DIHYDRO-1H-PURINE-2,6-DIONE 'C7 H7 Cl N4 O2'
#
# COMPACT_ATOMS: atom_id res chain seq x y z
N ASN A 5 -15.19 6.89 3.22
CA ASN A 5 -14.65 8.14 3.68
C ASN A 5 -13.60 8.75 2.78
N THR A 6 -12.73 9.56 3.35
CA THR A 6 -11.44 9.79 2.76
C THR A 6 -10.16 9.78 3.59
N ASN A 7 -9.35 8.79 3.29
CA ASN A 7 -8.24 8.42 4.12
C ASN A 7 -6.92 8.86 3.54
N ILE A 8 -5.92 8.95 4.40
CA ILE A 8 -4.54 9.05 3.98
C ILE A 8 -3.89 7.67 4.16
N ALA A 9 -3.32 7.13 3.07
CA ALA A 9 -2.49 5.93 3.17
C ALA A 9 -1.03 6.33 3.06
N VAL A 10 -0.18 5.69 3.85
CA VAL A 10 1.28 5.96 3.77
C VAL A 10 1.99 4.64 3.69
N TYR A 11 2.98 4.60 2.79
CA TYR A 11 3.93 3.50 2.82
C TYR A 11 4.88 3.72 3.99
N TRP A 12 5.28 2.64 4.65
CA TRP A 12 6.25 2.77 5.72
C TRP A 12 7.19 1.57 5.66
N GLY A 13 8.49 1.77 5.89
CA GLY A 13 9.42 0.63 5.95
C GLY A 13 10.76 0.84 5.25
N GLN A 14 10.73 1.48 4.08
CA GLN A 14 11.92 1.61 3.26
C GLN A 14 12.76 2.83 3.54
N ASN A 15 12.34 3.61 4.55
CA ASN A 15 13.12 4.71 5.08
C ASN A 15 13.57 5.69 3.98
N SER A 16 12.65 6.05 3.10
CA SER A 16 12.98 6.95 1.99
C SER A 16 13.74 8.23 2.44
N ALA A 17 13.35 8.82 3.58
CA ALA A 17 13.95 10.11 3.99
C ALA A 17 15.21 10.00 4.87
N GLY A 18 15.52 8.77 5.29
CA GLY A 18 16.69 8.55 6.18
C GLY A 18 16.28 8.55 7.64
N THR A 19 15.34 9.48 7.99
CA THR A 19 14.98 9.75 9.38
C THR A 19 13.71 8.98 9.78
N GLN A 20 13.46 7.85 9.13
CA GLN A 20 12.25 7.01 9.44
C GLN A 20 12.14 6.62 10.93
N GLU A 21 10.99 6.93 11.55
CA GLU A 21 10.71 6.54 12.95
C GLU A 21 9.90 5.24 12.98
N SER A 22 9.58 4.77 14.19
CA SER A 22 8.85 3.49 14.33
C SER A 22 7.49 3.56 13.65
N LEU A 23 7.00 2.42 13.22
CA LEU A 23 5.65 2.38 12.72
C LEU A 23 4.70 3.11 13.69
N ALA A 24 4.74 2.74 14.97
CA ALA A 24 3.78 3.31 15.95
C ALA A 24 3.84 4.82 16.05
N THR A 25 5.03 5.41 15.88
CA THR A 25 5.16 6.85 15.87
C THR A 25 4.22 7.53 14.87
N TYR A 26 4.23 7.05 13.63
CA TYR A 26 3.31 7.54 12.62
C TYR A 26 1.82 7.22 12.89
N CYS A 27 1.54 6.04 13.44
CA CYS A 27 0.17 5.70 13.82
C CYS A 27 -0.36 6.63 14.91
N GLU A 28 0.54 7.16 15.73
CA GLU A 28 0.14 8.07 16.83
C GLU A 28 -0.06 9.53 16.39
N SER A 29 0.10 9.76 15.09
CA SER A 29 -0.39 10.97 14.46
C SER A 29 -1.89 10.92 14.16
N SER A 30 -2.53 12.08 14.14
CA SER A 30 -3.86 12.18 13.54
C SER A 30 -3.80 12.09 11.99
N ASP A 31 -2.59 12.07 11.43
CA ASP A 31 -2.41 12.44 10.01
C ASP A 31 -2.59 11.35 8.95
N ALA A 32 -2.57 10.08 9.35
CA ALA A 32 -2.63 8.95 8.42
C ALA A 32 -3.52 7.84 8.96
N ASP A 33 -4.19 7.14 8.06
CA ASP A 33 -5.21 6.15 8.43
C ASP A 33 -4.86 4.70 8.04
N ILE A 34 -4.16 4.56 6.92
CA ILE A 34 -3.79 3.27 6.33
C ILE A 34 -2.26 3.21 6.26
N PHE A 35 -1.66 2.10 6.69
CA PHE A 35 -0.20 1.99 6.72
C PHE A 35 0.21 0.76 5.89
N LEU A 36 1.10 0.98 4.96
CA LEU A 36 1.48 -0.10 4.02
C LEU A 36 2.89 -0.52 4.30
N LEU A 37 3.05 -1.71 4.86
CA LEU A 37 4.40 -2.17 5.28
C LEU A 37 5.26 -2.63 4.12
N SER A 38 6.38 -1.95 3.94
CA SER A 38 7.18 -2.02 2.74
C SER A 38 8.54 -2.60 3.09
N PHE A 39 8.85 -3.86 2.70
CA PHE A 39 8.05 -4.73 1.84
C PHE A 39 8.29 -6.23 2.17
N LEU A 40 7.32 -7.09 1.86
CA LEU A 40 7.67 -8.47 1.51
C LEU A 40 8.29 -8.41 0.12
N ASN A 41 9.61 -8.16 0.04
CA ASN A 41 10.22 -8.03 -1.25
C ASN A 41 10.69 -9.33 -1.96
N GLN A 42 10.44 -10.50 -1.38
CA GLN A 42 10.96 -11.73 -1.93
C GLN A 42 9.88 -12.79 -1.68
N PHE A 43 9.44 -13.44 -2.75
CA PHE A 43 8.42 -14.52 -2.69
C PHE A 43 8.49 -15.23 -4.04
N PRO A 44 8.00 -16.49 -4.12
CA PRO A 44 7.38 -17.34 -3.09
C PRO A 44 8.24 -17.69 -1.87
N THR A 45 9.56 -17.83 -2.05
CA THR A 45 10.45 -18.06 -0.89
C THR A 45 10.55 -16.75 -0.07
N LEU A 46 9.95 -16.80 1.12
CA LEU A 46 9.71 -15.57 1.92
C LEU A 46 10.95 -14.76 2.25
N GLY A 47 10.84 -13.46 2.05
CA GLY A 47 11.87 -12.49 2.38
C GLY A 47 11.28 -11.11 2.62
N LEU A 48 11.56 -10.52 3.80
CA LEU A 48 11.12 -9.17 4.19
C LEU A 48 12.27 -8.18 4.19
N ASN A 49 11.94 -6.90 4.00
CA ASN A 49 12.96 -5.84 4.12
C ASN A 49 12.24 -4.60 4.69
N PHE A 50 12.66 -4.17 5.88
CA PHE A 50 12.18 -2.93 6.48
C PHE A 50 13.33 -1.96 6.79
N ALA A 51 14.23 -1.84 5.85
CA ALA A 51 15.44 -1.02 6.06
C ALA A 51 15.94 -1.19 7.51
N ASN A 52 16.06 -0.08 8.26
CA ASN A 52 16.66 -0.12 9.60
C ASN A 52 15.71 -0.50 10.73
N ALA A 53 14.46 -0.83 10.38
CA ALA A 53 13.40 -1.01 11.37
C ALA A 53 13.27 -2.47 11.88
N CYS A 54 14.08 -3.38 11.34
CA CYS A 54 14.03 -4.76 11.73
C CYS A 54 15.25 -5.43 11.17
N SER A 55 16.05 -6.01 12.06
CA SER A 55 17.27 -6.69 11.63
C SER A 55 17.45 -8.11 12.18
N ASP A 56 16.83 -8.41 13.31
CA ASP A 56 16.79 -9.79 13.78
C ASP A 56 16.14 -10.75 12.78
N THR A 57 16.57 -12.01 12.85
CA THR A 57 16.03 -13.06 12.01
C THR A 57 15.81 -14.37 12.79
N PHE A 58 14.88 -15.19 12.30
CA PHE A 58 14.86 -16.62 12.60
C PHE A 58 16.17 -17.30 12.13
N SER A 59 16.42 -18.53 12.56
CA SER A 59 17.67 -19.19 12.21
C SER A 59 17.80 -19.30 10.70
N ASP A 60 16.67 -19.47 10.02
CA ASP A 60 16.73 -19.62 8.54
C ASP A 60 16.90 -18.29 7.77
N GLY A 61 16.98 -17.17 8.50
CA GLY A 61 17.22 -15.86 7.90
C GLY A 61 16.00 -15.03 7.55
N LEU A 62 14.80 -15.61 7.70
CA LEU A 62 13.59 -14.81 7.55
C LEU A 62 13.56 -13.74 8.65
N LEU A 63 13.22 -12.50 8.28
CA LEU A 63 13.14 -11.43 9.30
C LEU A 63 12.20 -11.75 10.44
N HIS A 64 12.63 -11.41 11.64
CA HIS A 64 11.79 -11.57 12.81
C HIS A 64 11.72 -10.22 13.54
N CYS A 65 10.52 -9.62 13.60
CA CYS A 65 10.39 -8.19 13.90
C CYS A 65 9.42 -7.89 15.04
N THR A 66 9.92 -8.04 16.26
CA THR A 66 9.11 -7.84 17.46
C THR A 66 8.62 -6.41 17.65
N GLN A 67 9.46 -5.41 17.41
CA GLN A 67 9.00 -4.02 17.49
C GLN A 67 7.87 -3.67 16.51
N ILE A 68 8.00 -4.09 15.24
CA ILE A 68 6.93 -3.86 14.29
C ILE A 68 5.69 -4.62 14.73
N ALA A 69 5.87 -5.83 15.25
CA ALA A 69 4.72 -6.60 15.65
C ALA A 69 3.93 -5.85 16.75
N GLU A 70 4.66 -5.34 17.74
CA GLU A 70 4.01 -4.57 18.82
C GLU A 70 3.33 -3.34 18.20
N ASP A 71 4.04 -2.65 17.30
CA ASP A 71 3.52 -1.47 16.63
C ASP A 71 2.28 -1.72 15.79
N ILE A 72 2.22 -2.83 15.05
CA ILE A 72 0.97 -3.24 14.36
C ILE A 72 -0.18 -3.24 15.33
N GLU A 73 0.01 -3.78 16.53
CA GLU A 73 -1.11 -3.95 17.46
C GLU A 73 -1.51 -2.59 18.07
N THR A 74 -0.51 -1.75 18.32
CA THR A 74 -0.74 -0.37 18.82
C THR A 74 -1.50 0.38 17.75
N CYS A 75 -1.11 0.21 16.49
CA CYS A 75 -1.70 0.96 15.40
C CYS A 75 -3.15 0.58 15.26
N GLN A 76 -3.41 -0.72 15.34
CA GLN A 76 -4.77 -1.21 15.28
C GLN A 76 -5.63 -0.78 16.47
N SER A 77 -5.11 -0.75 17.69
CA SER A 77 -5.93 -0.19 18.80
C SER A 77 -6.37 1.25 18.50
N LEU A 78 -5.48 2.03 17.88
CA LEU A 78 -5.80 3.39 17.47
C LEU A 78 -6.66 3.53 16.21
N GLY A 79 -7.17 2.40 15.69
CA GLY A 79 -8.15 2.45 14.59
C GLY A 79 -7.49 2.47 13.21
N LYS A 80 -6.19 2.26 13.15
CA LYS A 80 -5.49 2.30 11.86
C LYS A 80 -5.54 0.92 11.23
N LYS A 81 -5.48 0.88 9.90
CA LYS A 81 -5.32 -0.38 9.12
C LYS A 81 -3.89 -0.58 8.67
N VAL A 82 -3.36 -1.78 8.86
CA VAL A 82 -1.99 -2.07 8.49
C VAL A 82 -1.94 -3.25 7.53
N LEU A 83 -1.54 -2.94 6.29
CA LEU A 83 -1.42 -3.96 5.24
C LEU A 83 0.03 -4.29 4.99
N LEU A 84 0.31 -5.55 4.65
CA LEU A 84 1.67 -5.89 4.25
C LEU A 84 1.79 -5.68 2.73
N SER A 85 2.72 -4.83 2.29
CA SER A 85 2.86 -4.60 0.87
C SER A 85 3.85 -5.59 0.24
N LEU A 86 3.42 -6.27 -0.81
CA LEU A 86 4.27 -7.18 -1.57
C LEU A 86 4.98 -6.49 -2.70
N GLY A 87 6.29 -6.74 -2.84
CA GLY A 87 6.98 -6.46 -4.09
C GLY A 87 7.95 -5.33 -3.88
N GLY A 88 7.70 -4.23 -4.56
CA GLY A 88 8.57 -3.11 -4.57
C GLY A 88 9.30 -2.98 -5.88
N ALA A 89 9.66 -1.76 -6.22
CA ALA A 89 10.77 -1.54 -7.12
C ALA A 89 11.90 -2.38 -6.60
N SER A 90 12.57 -3.12 -7.45
CA SER A 90 13.63 -3.97 -6.96
C SER A 90 13.09 -4.94 -5.92
N GLY A 91 13.89 -5.83 -5.38
CA GLY A 91 13.31 -7.08 -4.93
C GLY A 91 13.35 -8.16 -6.01
N SER A 92 12.85 -9.31 -5.60
CA SER A 92 13.24 -10.64 -6.04
C SER A 92 12.00 -11.51 -5.95
N TYR A 93 11.10 -11.37 -6.92
CA TYR A 93 9.81 -12.01 -6.80
C TYR A 93 9.18 -12.29 -8.16
N LEU A 94 8.39 -13.37 -8.24
CA LEU A 94 7.77 -13.84 -9.49
C LEU A 94 6.94 -15.10 -9.23
N PHE A 95 5.77 -15.18 -9.88
CA PHE A 95 5.01 -16.44 -9.92
C PHE A 95 5.10 -17.04 -11.31
N SER A 96 5.33 -18.34 -11.36
CA SER A 96 5.40 -19.05 -12.64
C SER A 96 4.01 -19.34 -13.16
N ASP A 97 3.04 -19.47 -12.27
CA ASP A 97 1.65 -19.75 -12.65
C ASP A 97 0.62 -19.52 -11.55
N ASP A 98 -0.66 -19.62 -11.93
CA ASP A 98 -1.76 -19.46 -10.98
C ASP A 98 -1.75 -20.44 -9.81
N SER A 99 -1.41 -21.70 -10.07
CA SER A 99 -1.41 -22.73 -9.00
C SER A 99 -0.36 -22.42 -7.95
N GLN A 100 0.82 -22.01 -8.40
CA GLN A 100 1.89 -21.56 -7.48
C GLN A 100 1.41 -20.41 -6.58
N ALA A 101 0.75 -19.42 -7.18
CA ALA A 101 0.25 -18.25 -6.45
C ALA A 101 -0.90 -18.62 -5.50
N GLU A 102 -1.75 -19.55 -5.93
CA GLU A 102 -2.82 -20.04 -5.04
C GLU A 102 -2.25 -20.73 -3.80
N THR A 103 -1.23 -21.57 -3.99
CA THR A 103 -0.49 -22.14 -2.83
C THR A 103 -0.04 -21.01 -1.95
N PHE A 104 0.59 -20.00 -2.57
CA PHE A 104 1.10 -18.84 -1.82
C PHE A 104 0.07 -18.06 -0.97
N ALA A 105 -1.19 -18.02 -1.39
CA ALA A 105 -2.25 -17.43 -0.57
C ALA A 105 -2.26 -18.08 0.82
N GLN A 106 -2.19 -19.41 0.87
CA GLN A 106 -2.19 -20.14 2.13
C GLN A 106 -0.94 -19.82 2.96
N THR A 107 0.21 -19.82 2.31
CA THR A 107 1.47 -19.33 2.93
C THR A 107 1.28 -17.95 3.61
N LEU A 108 0.76 -16.98 2.87
CA LEU A 108 0.48 -15.66 3.46
C LEU A 108 -0.49 -15.70 4.61
N TRP A 109 -1.58 -16.47 4.48
CA TRP A 109 -2.57 -16.54 5.50
C TRP A 109 -1.97 -17.10 6.80
N ASP A 110 -1.20 -18.18 6.67
CA ASP A 110 -0.58 -18.84 7.83
C ASP A 110 0.58 -18.03 8.40
N THR A 111 1.30 -17.32 7.52
CA THR A 111 2.47 -16.55 8.00
C THR A 111 2.10 -15.17 8.57
N PHE A 112 1.10 -14.52 7.99
CA PHE A 112 0.76 -13.12 8.35
C PHE A 112 -0.65 -12.90 8.84
N GLY A 113 -1.55 -13.83 8.52
CA GLY A 113 -2.94 -13.62 8.84
C GLY A 113 -3.34 -14.54 9.95
N GLU A 114 -4.60 -14.94 9.96
CA GLU A 114 -5.07 -15.75 11.07
C GLU A 114 -5.02 -17.23 10.76
N GLY A 115 -4.19 -17.62 9.80
CA GLY A 115 -4.04 -19.03 9.46
C GLY A 115 -3.42 -19.80 10.63
N THR A 116 -3.79 -21.07 10.73
CA THR A 116 -3.43 -21.91 11.87
C THR A 116 -2.19 -22.79 11.62
N GLY A 117 -1.81 -22.98 10.35
CA GLY A 117 -0.59 -23.72 9.98
C GLY A 117 0.62 -23.03 10.59
N ALA A 118 1.43 -23.79 11.35
CA ALA A 118 2.35 -23.20 12.36
C ALA A 118 3.68 -22.60 11.88
N SER A 119 3.67 -21.92 10.72
CA SER A 119 4.86 -21.34 10.10
C SER A 119 5.57 -20.27 10.95
N GLU A 120 6.79 -19.91 10.56
CA GLU A 120 7.51 -18.90 11.29
C GLU A 120 6.78 -17.59 11.02
N ARG A 121 6.45 -16.84 12.07
CA ARG A 121 5.71 -15.59 11.95
C ARG A 121 6.60 -14.40 12.21
N PRO A 122 6.96 -13.69 11.14
CA PRO A 122 7.82 -12.51 11.35
C PRO A 122 7.26 -11.52 12.37
N PHE A 123 5.93 -11.45 12.48
CA PHE A 123 5.30 -10.53 13.42
C PHE A 123 4.65 -11.19 14.63
N ASP A 124 5.14 -12.39 15.01
CA ASP A 124 4.63 -13.07 16.20
C ASP A 124 3.10 -13.15 16.13
N SER A 125 2.37 -12.73 17.17
CA SER A 125 0.90 -12.95 17.14
C SER A 125 0.08 -11.77 16.59
N ALA A 126 0.79 -10.73 16.16
CA ALA A 126 0.17 -9.64 15.40
C ALA A 126 -0.31 -10.13 14.05
N VAL A 127 -1.47 -9.62 13.63
CA VAL A 127 -2.08 -10.06 12.39
C VAL A 127 -2.30 -8.87 11.51
N VAL A 128 -1.89 -8.96 10.24
CA VAL A 128 -2.07 -7.81 9.37
C VAL A 128 -3.52 -7.64 9.02
N ASP A 129 -3.88 -6.47 8.51
CA ASP A 129 -5.28 -6.27 8.08
C ASP A 129 -5.41 -6.53 6.58
N GLY A 130 -4.35 -7.01 5.98
CA GLY A 130 -4.40 -7.44 4.56
C GLY A 130 -3.14 -7.20 3.80
N PHE A 131 -3.25 -7.17 2.46
CA PHE A 131 -2.07 -7.10 1.60
C PHE A 131 -2.20 -6.06 0.50
N ASP A 132 -1.11 -5.33 0.26
CA ASP A 132 -0.97 -4.43 -0.87
C ASP A 132 -0.13 -5.11 -1.95
N PHE A 133 -0.55 -4.97 -3.20
CA PHE A 133 0.26 -5.48 -4.32
C PHE A 133 1.01 -4.36 -5.07
N ASP A 134 2.24 -4.13 -4.63
CA ASP A 134 3.06 -3.11 -5.26
C ASP A 134 4.03 -3.82 -6.20
N ILE A 135 3.46 -4.48 -7.21
CA ILE A 135 4.23 -5.25 -8.23
C ILE A 135 4.81 -4.26 -9.25
N GLU A 136 6.13 -4.26 -9.39
CA GLU A 136 6.79 -3.27 -10.25
C GLU A 136 7.75 -3.94 -11.24
N ASN A 137 7.55 -5.22 -11.50
CA ASN A 137 8.45 -5.95 -12.38
C ASN A 137 7.92 -6.24 -13.79
N ASN A 138 6.71 -5.74 -14.08
CA ASN A 138 6.03 -5.93 -15.38
C ASN A 138 5.69 -7.37 -15.70
N ASN A 139 5.55 -8.18 -14.65
CA ASN A 139 5.05 -9.54 -14.79
C ASN A 139 3.78 -9.71 -14.00
N GLU A 140 2.69 -10.08 -14.67
CA GLU A 140 1.37 -10.07 -14.03
C GLU A 140 0.88 -11.42 -13.57
N VAL A 141 1.69 -12.46 -13.78
CA VAL A 141 1.25 -13.82 -13.53
C VAL A 141 0.95 -14.05 -12.05
N GLY A 142 -0.23 -14.61 -11.79
CA GLY A 142 -0.58 -15.16 -10.49
C GLY A 142 -1.31 -14.23 -9.54
N TYR A 143 -1.18 -12.92 -9.67
CA TYR A 143 -1.71 -12.01 -8.61
C TYR A 143 -3.23 -12.08 -8.50
N SER A 144 -3.89 -12.19 -9.65
CA SER A 144 -5.36 -12.29 -9.64
C SER A 144 -5.84 -13.56 -8.93
N ALA A 145 -5.16 -14.68 -9.19
CA ALA A 145 -5.50 -15.97 -8.59
C ALA A 145 -5.16 -15.94 -7.10
N LEU A 146 -4.08 -15.22 -6.76
CA LEU A 146 -3.64 -15.06 -5.37
C LEU A 146 -4.64 -14.28 -4.54
N ALA A 147 -5.09 -13.15 -5.08
CA ALA A 147 -6.11 -12.30 -4.43
C ALA A 147 -7.44 -13.07 -4.22
N THR A 148 -7.84 -13.80 -5.23
CA THR A 148 -9.14 -14.55 -5.18
C THR A 148 -9.10 -15.66 -4.10
N LYS A 149 -7.99 -16.39 -4.04
CA LYS A 149 -7.76 -17.45 -3.04
C LYS A 149 -7.64 -16.84 -1.65
N LEU A 150 -6.89 -15.75 -1.51
CA LEU A 150 -6.88 -15.02 -0.22
C LEU A 150 -8.29 -14.71 0.28
N ARG A 151 -9.18 -14.23 -0.60
CA ARG A 151 -10.54 -13.84 -0.20
C ARG A 151 -11.29 -14.98 0.43
N THR A 152 -11.13 -16.17 -0.17
CA THR A 152 -11.81 -17.39 0.39
C THR A 152 -11.28 -17.69 1.81
N LEU A 153 -9.98 -17.41 2.03
CA LEU A 153 -9.37 -17.74 3.30
C LEU A 153 -9.76 -16.71 4.38
N PHE A 154 -9.91 -15.43 3.96
CA PHE A 154 -10.27 -14.33 4.87
C PHE A 154 -11.53 -14.64 5.68
N ALA A 155 -12.49 -15.35 5.09
CA ALA A 155 -13.73 -15.75 5.80
C ALA A 155 -13.50 -16.57 7.09
N GLU A 156 -12.27 -17.18 7.16
CA GLU A 156 -11.90 -17.95 8.36
C GLU A 156 -11.46 -17.02 9.48
N GLY A 157 -11.08 -15.80 9.10
CA GLY A 157 -10.60 -14.79 10.08
C GLY A 157 -11.70 -14.21 10.95
N THR A 158 -11.34 -13.21 11.76
CA THR A 158 -12.27 -12.64 12.78
C THR A 158 -12.43 -11.12 12.62
N LYS A 159 -11.99 -10.60 11.45
CA LYS A 159 -12.08 -9.18 11.18
C LYS A 159 -12.13 -9.06 9.66
N GLN A 160 -12.50 -7.84 9.18
CA GLN A 160 -12.40 -7.51 7.76
C GLN A 160 -10.95 -7.39 7.31
N TYR A 161 -10.64 -7.96 6.13
CA TYR A 161 -9.34 -7.83 5.53
C TYR A 161 -9.56 -7.08 4.22
N TYR A 162 -8.49 -6.40 3.84
CA TYR A 162 -8.39 -5.55 2.68
C TYR A 162 -7.30 -6.02 1.73
N LEU A 163 -7.61 -5.92 0.44
CA LEU A 163 -6.59 -6.04 -0.59
C LEU A 163 -6.48 -4.75 -1.38
N SER A 164 -5.25 -4.31 -1.63
CA SER A 164 -5.00 -3.17 -2.46
C SER A 164 -3.96 -3.46 -3.56
N ALA A 165 -3.84 -2.55 -4.52
CA ALA A 165 -2.84 -2.62 -5.55
C ALA A 165 -2.25 -1.22 -5.73
N ALA A 166 -0.98 -1.18 -6.14
CA ALA A 166 -0.22 0.07 -6.33
C ALA A 166 0.21 0.30 -7.79
N PRO A 167 -0.76 0.48 -8.72
CA PRO A 167 -0.38 0.66 -10.13
C PRO A 167 0.31 2.01 -10.30
N GLN A 168 1.08 2.17 -11.34
CA GLN A 168 1.50 3.52 -11.73
C GLN A 168 0.36 4.09 -12.58
N CYS A 169 0.39 5.38 -12.86
CA CYS A 169 -0.77 6.00 -13.50
C CYS A 169 -1.01 5.54 -14.97
N PRO A 170 0.04 5.16 -15.73
CA PRO A 170 -0.33 4.70 -17.07
C PRO A 170 -1.27 3.51 -17.04
N TYR A 171 -2.37 3.63 -17.79
CA TYR A 171 -3.41 2.59 -17.85
C TYR A 171 -3.41 1.87 -19.21
N PRO A 172 -3.45 0.51 -19.21
CA PRO A 172 -3.45 -0.37 -18.05
C PRO A 172 -2.04 -0.61 -17.52
N ASP A 173 -1.95 -0.81 -16.21
CA ASP A 173 -0.69 -1.13 -15.56
C ASP A 173 -0.13 -2.50 -15.97
N ALA A 174 1.15 -2.52 -16.30
CA ALA A 174 1.81 -3.70 -16.81
C ALA A 174 2.06 -4.76 -15.77
N SER A 175 2.00 -4.41 -14.49
CA SER A 175 2.20 -5.41 -13.41
C SER A 175 0.90 -5.80 -12.69
N VAL A 176 0.06 -4.82 -12.36
CA VAL A 176 -1.15 -5.15 -11.62
C VAL A 176 -2.44 -4.93 -12.42
N GLY A 177 -2.28 -4.68 -13.71
CA GLY A 177 -3.44 -4.52 -14.57
C GLY A 177 -4.38 -5.71 -14.47
N ASP A 178 -3.84 -6.92 -14.60
CA ASP A 178 -4.66 -8.16 -14.55
C ASP A 178 -5.35 -8.32 -13.23
N LEU A 179 -4.59 -8.14 -12.16
CA LEU A 179 -5.13 -8.08 -10.80
C LEU A 179 -6.36 -7.16 -10.70
N LEU A 180 -6.19 -5.91 -11.13
CA LEU A 180 -7.26 -4.91 -11.05
C LEU A 180 -8.50 -5.27 -11.90
N GLU A 181 -8.27 -5.95 -13.02
CA GLU A 181 -9.33 -6.37 -13.91
C GLU A 181 -10.07 -7.65 -13.52
N ASN A 182 -9.41 -8.54 -12.79
CA ASN A 182 -9.93 -9.88 -12.55
C ASN A 182 -10.09 -10.28 -11.08
N ALA A 183 -9.82 -9.37 -10.17
CA ALA A 183 -9.94 -9.69 -8.78
C ALA A 183 -10.68 -8.58 -8.04
N ASP A 184 -11.18 -8.92 -6.85
CA ASP A 184 -11.94 -8.01 -6.01
C ASP A 184 -10.95 -7.25 -5.13
N ILE A 185 -10.74 -5.97 -5.43
CA ILE A 185 -9.67 -5.15 -4.78
C ILE A 185 -10.35 -3.99 -4.04
N ASP A 186 -9.96 -3.72 -2.79
CA ASP A 186 -10.55 -2.65 -2.01
C ASP A 186 -10.08 -1.25 -2.39
N PHE A 187 -8.77 -1.09 -2.53
CA PHE A 187 -8.10 0.21 -2.78
C PHE A 187 -7.11 0.12 -3.93
N ALA A 188 -7.10 1.16 -4.77
CA ALA A 188 -6.10 1.31 -5.79
C ALA A 188 -5.28 2.56 -5.44
N PHE A 189 -4.03 2.35 -5.01
CA PHE A 189 -3.13 3.44 -4.70
C PHE A 189 -2.35 3.73 -5.96
N ILE A 190 -2.87 4.65 -6.76
CA ILE A 190 -2.37 4.89 -8.12
C ILE A 190 -1.26 5.93 -7.99
N GLN A 191 -0.08 5.58 -8.50
CA GLN A 191 1.11 6.45 -8.44
C GLN A 191 1.09 7.48 -9.54
N PHE A 192 0.73 8.71 -9.15
CA PHE A 192 0.66 9.83 -10.07
C PHE A 192 1.97 10.61 -10.03
N TYR A 193 3.07 9.91 -10.28
CA TYR A 193 4.43 10.48 -10.23
C TYR A 193 5.38 9.51 -10.96
N ASN A 194 6.59 9.99 -11.29
CA ASN A 194 7.55 9.29 -12.17
C ASN A 194 6.97 8.89 -13.55
N ASN A 195 5.97 9.65 -14.02
CA ASN A 195 5.19 9.27 -15.21
C ASN A 195 4.53 10.48 -15.88
N TYR A 196 4.24 10.36 -17.18
CA TYR A 196 3.61 11.46 -17.99
C TYR A 196 2.27 11.92 -17.40
N CYS A 197 1.61 11.03 -16.68
CA CYS A 197 0.23 11.20 -16.21
C CYS A 197 0.12 11.75 -14.78
N SER A 198 1.17 12.41 -14.30
CA SER A 198 1.07 13.07 -13.01
C SER A 198 0.04 14.20 -13.03
N VAL A 199 -0.27 14.74 -11.86
CA VAL A 199 -1.19 15.87 -11.72
C VAL A 199 -0.76 17.06 -12.61
N SER A 200 0.53 17.39 -12.57
CA SER A 200 1.12 18.47 -13.37
C SER A 200 1.40 18.06 -14.83
N GLY A 201 1.09 16.82 -15.18
CA GLY A 201 1.31 16.32 -16.55
C GLY A 201 -0.03 16.16 -17.25
N GLN A 202 -0.22 15.03 -17.90
CA GLN A 202 -1.49 14.75 -18.56
C GLN A 202 -2.31 13.85 -17.65
N PHE A 203 -2.74 14.41 -16.53
CA PHE A 203 -3.39 13.72 -15.43
C PHE A 203 -4.57 12.89 -15.90
N ASN A 204 -4.54 11.59 -15.60
CA ASN A 204 -5.51 10.65 -16.18
C ASN A 204 -6.45 9.99 -15.18
N TRP A 205 -6.81 10.72 -14.12
CA TRP A 205 -7.80 10.27 -13.17
C TRP A 205 -9.07 9.77 -13.84
N ASP A 206 -9.51 10.47 -14.91
CA ASP A 206 -10.71 10.08 -15.66
C ASP A 206 -10.66 8.64 -16.17
N THR A 207 -9.48 8.18 -16.58
CA THR A 207 -9.34 6.82 -17.09
C THR A 207 -9.54 5.88 -15.93
N TRP A 208 -8.92 6.19 -14.79
CA TRP A 208 -9.08 5.35 -13.59
C TRP A 208 -10.51 5.28 -13.10
N LEU A 209 -11.23 6.38 -13.27
CA LEU A 209 -12.62 6.46 -12.92
C LEU A 209 -13.48 5.57 -13.82
N THR A 210 -13.19 5.56 -15.12
CA THR A 210 -13.84 4.62 -16.04
C THR A 210 -13.53 3.21 -15.58
N TYR A 211 -12.26 2.95 -15.25
CA TYR A 211 -11.88 1.64 -14.75
C TYR A 211 -12.71 1.27 -13.52
N ALA A 212 -12.86 2.19 -12.55
CA ALA A 212 -13.59 1.89 -11.31
C ALA A 212 -15.06 1.57 -11.57
N GLN A 213 -15.68 2.37 -12.44
CA GLN A 213 -17.09 2.26 -12.77
C GLN A 213 -17.51 1.09 -13.67
N THR A 214 -16.64 0.68 -14.60
CA THR A 214 -17.04 -0.24 -15.68
C THR A 214 -16.21 -1.54 -15.75
N VAL A 215 -15.00 -1.48 -15.21
CA VAL A 215 -14.04 -2.58 -15.37
C VAL A 215 -13.80 -3.32 -14.04
N SER A 216 -13.63 -2.57 -12.94
CA SER A 216 -13.26 -3.20 -11.65
C SER A 216 -14.26 -4.26 -11.22
N PRO A 217 -13.81 -5.51 -10.94
CA PRO A 217 -14.83 -6.47 -10.50
C PRO A 217 -15.55 -6.04 -9.22
N ASN A 218 -14.86 -5.27 -8.39
CA ASN A 218 -15.45 -4.56 -7.25
C ASN A 218 -15.80 -3.11 -7.63
N LYS A 219 -17.10 -2.88 -7.84
CA LYS A 219 -17.61 -1.59 -8.27
C LYS A 219 -17.43 -0.44 -7.26
N ASN A 220 -17.33 -0.74 -5.96
CA ASN A 220 -16.96 0.28 -4.97
C ASN A 220 -15.49 0.26 -4.52
N ILE A 221 -14.62 -0.19 -5.43
CA ILE A 221 -13.18 0.05 -5.29
C ILE A 221 -12.96 1.54 -5.05
N LYS A 222 -12.00 1.88 -4.20
CA LYS A 222 -11.67 3.26 -3.91
C LYS A 222 -10.35 3.59 -4.51
N LEU A 223 -10.36 4.65 -5.30
CA LEU A 223 -9.18 5.12 -5.98
C LEU A 223 -8.51 6.17 -5.13
N PHE A 224 -7.20 6.09 -5.05
CA PHE A 224 -6.42 7.00 -4.24
C PHE A 224 -5.47 7.74 -5.10
N LEU A 225 -5.34 9.03 -4.81
CA LEU A 225 -4.37 9.89 -5.48
C LEU A 225 -2.99 9.69 -4.84
N GLY A 226 -2.14 8.91 -5.52
CA GLY A 226 -0.86 8.50 -4.95
C GLY A 226 0.21 9.50 -5.32
N LEU A 227 0.91 10.03 -4.31
CA LEU A 227 1.84 11.19 -4.48
C LEU A 227 3.18 11.03 -3.74
N PRO A 228 4.27 11.66 -4.23
CA PRO A 228 5.47 11.66 -3.38
C PRO A 228 5.26 12.52 -2.15
N GLY A 229 5.88 12.12 -1.03
CA GLY A 229 5.76 12.88 0.24
C GLY A 229 6.67 14.11 0.32
N SER A 230 7.54 14.25 -0.64
CA SER A 230 8.45 15.36 -0.68
C SER A 230 9.01 15.42 -2.08
N ALA A 231 9.49 16.56 -2.51
CA ALA A 231 10.31 16.59 -3.72
C ALA A 231 11.47 15.69 -3.35
N SER A 232 12.08 14.96 -4.25
CA SER A 232 13.02 13.94 -3.73
C SER A 232 12.46 12.68 -2.95
N ALA A 233 11.17 12.46 -2.98
CA ALA A 233 10.64 11.15 -2.67
C ALA A 233 10.55 10.33 -3.91
N ALA A 234 10.52 11.03 -5.02
CA ALA A 234 10.49 10.43 -6.36
C ALA A 234 11.27 11.39 -7.24
N GLY A 235 11.50 10.99 -8.49
CA GLY A 235 12.21 11.84 -9.43
C GLY A 235 11.37 13.04 -9.83
N SER A 236 10.07 12.79 -9.98
CA SER A 236 9.10 13.77 -10.50
C SER A 236 7.63 13.55 -10.08
N GLY A 237 6.88 14.64 -10.00
CA GLY A 237 5.42 14.57 -9.84
C GLY A 237 4.96 15.05 -8.48
N TYR A 238 5.92 15.50 -7.67
CA TYR A 238 5.63 16.04 -6.37
C TYR A 238 4.93 17.40 -6.52
N ILE A 239 3.92 17.63 -5.68
CA ILE A 239 3.08 18.83 -5.75
C ILE A 239 3.21 19.69 -4.49
N SER A 240 3.83 20.85 -4.68
CA SER A 240 4.03 21.83 -3.61
C SER A 240 3.00 22.97 -3.67
N ASP A 241 2.22 23.03 -4.75
CA ASP A 241 1.18 24.06 -4.93
C ASP A 241 -0.13 23.64 -4.25
N THR A 242 -0.43 24.29 -3.13
CA THR A 242 -1.63 23.94 -2.35
C THR A 242 -2.94 24.27 -3.09
N SER A 243 -2.89 25.26 -4.00
CA SER A 243 -4.03 25.55 -4.89
C SER A 243 -4.28 24.40 -5.87
N LEU A 244 -3.17 23.87 -6.44
CA LEU A 244 -3.29 22.73 -7.36
C LEU A 244 -3.79 21.51 -6.60
N LEU A 245 -3.18 21.25 -5.46
CA LEU A 245 -3.70 20.26 -4.50
C LEU A 245 -5.21 20.43 -4.21
N GLU A 246 -5.64 21.66 -3.88
CA GLU A 246 -7.05 21.94 -3.61
C GLU A 246 -7.97 21.67 -4.80
N SER A 247 -7.60 22.21 -5.95
CA SER A 247 -8.41 22.04 -7.16
C SER A 247 -8.44 20.57 -7.58
N THR A 248 -7.31 19.90 -7.47
CA THR A 248 -7.24 18.48 -7.81
C THR A 248 -8.24 17.69 -6.98
N ILE A 249 -8.17 17.87 -5.66
CA ILE A 249 -9.02 17.17 -4.69
C ILE A 249 -10.51 17.48 -4.97
N ALA A 250 -10.83 18.76 -5.15
CA ALA A 250 -12.17 19.18 -5.57
C ALA A 250 -12.67 18.51 -6.84
N ASP A 251 -11.80 18.34 -7.84
CA ASP A 251 -12.14 17.69 -9.09
C ASP A 251 -12.51 16.23 -8.85
N ILE A 252 -11.70 15.55 -8.05
CA ILE A 252 -11.75 14.09 -7.88
C ILE A 252 -12.68 13.59 -6.75
N ALA A 253 -12.86 14.39 -5.70
CA ALA A 253 -13.75 14.03 -4.58
C ALA A 253 -15.24 14.02 -4.92
N SER A 254 -15.58 14.42 -6.13
CA SER A 254 -16.98 14.47 -6.57
C SER A 254 -17.65 13.08 -6.57
N SER A 255 -16.86 12.03 -6.83
CA SER A 255 -17.42 10.68 -6.99
C SER A 255 -17.28 9.81 -5.76
N SER A 256 -18.16 8.82 -5.66
CA SER A 256 -18.07 7.75 -4.66
C SER A 256 -16.80 6.88 -4.82
N SER A 257 -16.16 6.93 -5.98
CA SER A 257 -14.93 6.16 -6.22
C SER A 257 -13.68 6.77 -5.58
N PHE A 258 -13.76 8.02 -5.13
CA PHE A 258 -12.60 8.63 -4.50
C PHE A 258 -12.39 8.17 -3.04
N GLY A 259 -11.18 7.66 -2.78
CA GLY A 259 -10.83 7.11 -1.46
C GLY A 259 -9.94 7.99 -0.58
N GLY A 260 -9.14 8.84 -1.22
CA GLY A 260 -8.17 9.68 -0.53
C GLY A 260 -6.85 9.81 -1.26
N ILE A 261 -5.80 10.00 -0.48
CA ILE A 261 -4.46 10.20 -0.97
C ILE A 261 -3.55 9.12 -0.41
N ALA A 262 -2.64 8.59 -1.24
CA ALA A 262 -1.58 7.68 -0.79
C ALA A 262 -0.23 8.41 -0.93
N LEU A 263 0.69 8.18 0.01
CA LEU A 263 2.00 8.87 -0.02
C LEU A 263 3.18 7.91 0.06
N TRP A 264 4.18 8.13 -0.78
CA TRP A 264 5.47 7.48 -0.66
C TRP A 264 6.48 8.45 -0.08
N ASP A 265 6.91 8.32 1.18
CA ASP A 265 6.44 7.36 2.16
C ASP A 265 6.30 8.13 3.47
N ALA A 266 5.97 7.45 4.56
CA ALA A 266 5.80 8.12 5.86
C ALA A 266 7.04 8.98 6.23
N SER A 267 8.23 8.40 6.25
CA SER A 267 9.47 9.19 6.59
C SER A 267 9.49 10.54 5.90
N GLN A 268 9.15 10.53 4.60
CA GLN A 268 9.15 11.73 3.77
C GLN A 268 8.02 12.74 4.10
N ALA A 269 6.78 12.26 4.09
CA ALA A 269 5.61 13.12 4.20
C ALA A 269 5.50 13.76 5.58
N PHE A 270 5.97 13.04 6.60
CA PHE A 270 5.95 13.51 7.98
C PHE A 270 7.07 14.50 8.30
N SER A 271 8.19 14.39 7.59
CA SER A 271 9.34 15.30 7.84
C SER A 271 9.40 16.51 6.91
N ASN A 272 8.86 16.36 5.69
CA ASN A 272 8.73 17.48 4.74
C ASN A 272 7.72 18.54 5.22
N GLU A 273 8.23 19.76 5.45
CA GLU A 273 7.45 20.89 5.94
C GLU A 273 7.14 21.90 4.84
N LEU A 274 5.90 22.39 4.81
CA LEU A 274 5.59 23.62 4.06
C LEU A 274 5.21 24.74 5.03
N ASN A 275 6.17 25.67 5.22
CA ASN A 275 6.23 26.58 6.36
C ASN A 275 5.82 25.96 7.70
N GLY A 276 6.57 24.92 8.08
CA GLY A 276 6.45 24.32 9.41
C GLY A 276 5.29 23.39 9.64
N GLU A 277 4.45 23.18 8.63
CA GLU A 277 3.39 22.17 8.73
C GLU A 277 3.79 20.96 7.90
N PRO A 278 3.76 19.74 8.51
CA PRO A 278 4.13 18.55 7.77
C PRO A 278 3.21 18.36 6.57
N TYR A 279 3.78 17.88 5.47
CA TYR A 279 3.08 17.70 4.22
C TYR A 279 1.85 16.81 4.38
N VAL A 280 2.02 15.74 5.15
CA VAL A 280 0.95 14.78 5.43
C VAL A 280 -0.19 15.45 6.17
N GLU A 281 0.12 16.45 6.99
CA GLU A 281 -0.89 17.18 7.78
C GLU A 281 -1.67 18.13 6.89
N ILE A 282 -0.95 18.81 6.00
CA ILE A 282 -1.57 19.68 5.00
C ILE A 282 -2.58 18.89 4.20
N LEU A 283 -2.19 17.71 3.73
CA LEU A 283 -3.06 16.88 2.89
C LEU A 283 -4.24 16.29 3.64
N LYS A 284 -4.00 15.79 4.85
CA LYS A 284 -5.09 15.31 5.71
C LYS A 284 -6.16 16.40 5.85
N ASN A 285 -5.72 17.65 6.03
CA ASN A 285 -6.60 18.79 6.25
C ASN A 285 -7.34 19.21 4.98
N LEU A 286 -6.66 19.14 3.84
CA LEU A 286 -7.29 19.40 2.57
C LEU A 286 -8.41 18.40 2.30
N LEU A 287 -8.20 17.14 2.69
CA LEU A 287 -9.21 16.09 2.52
C LEU A 287 -10.47 16.36 3.37
N THR A 288 -10.28 16.66 4.63
CA THR A 288 -11.42 16.85 5.53
C THR A 288 -12.44 17.89 5.01
N SER A 289 -11.98 19.04 4.52
CA SER A 289 -12.85 20.03 3.85
C SER A 289 -13.60 19.44 2.64
N1 H33 B . 10.06 2.65 -4.50
C2 H33 B . 8.93 1.83 -4.37
C3 H33 B . 7.64 2.39 -4.48
C4 H33 B . 7.46 3.76 -4.74
N5 H33 B . 8.58 4.60 -4.90
C6 H33 B . 9.90 4.05 -4.77
N7 H33 B . 6.39 1.87 -4.41
C8 H33 B . 5.51 2.87 -4.61
N9 H33 B . 6.15 4.01 -4.82
C11 H33 B . 8.43 6.05 -5.19
C15 H33 B . 11.41 2.04 -4.36
O19 H33 B . 10.89 4.77 -4.89
O20 H33 B . 9.13 0.63 -4.14
CL H33 B . 3.97 2.76 -4.60
#